data_6P6E
#
_entry.id   6P6E
#
_cell.length_a   78.490
_cell.length_b   90.495
_cell.length_c   99.716
_cell.angle_alpha   90.000
_cell.angle_beta   90.000
_cell.angle_gamma   90.000
#
_symmetry.space_group_name_H-M   'P 21 21 21'
#
loop_
_entity.id
_entity.type
_entity.pdbx_description
1 polymer 'Importin subunit alpha-1'
2 polymer 'PAC3 NLS'
3 water water
#
loop_
_entity_poly.entity_id
_entity_poly.type
_entity_poly.pdbx_seq_one_letter_code
_entity_poly.pdbx_strand_id
1 'polypeptide(L)'
;NQGTVNWSVEDIVKGINSNNLESQLQATQAARKLLSREKQPPIDNIIRAGLIPKFVSFLGKTDCSPIQFESAWALTNIAS
GTSEQTKAVVDGGAIPAFISLLASPHAHISEQAVWALGNIAGDGSAFRDLVIKHGAIDPLLALLAVPDLSTLACGYLRNL
TWTLSNLCRNKNPAPPLDAVEQILPTLVRLLHHNDPEVLADSCWAISYLTDGPNERIEMVVKKGVVPQLVKLLGATELPI
VTPALRAIGNIVTGTDEQTQKVIDAGALAVFPSLLTNPKTNIQKEATWTMSNITAGRQDQIQQVVNHGLVPFLVGVLSKA
DFKTQKEAAWAITNYTSGGTVEQIVYLVHCGIIEPLMNLLSAKDTKIIQVILDAISNIFQAAEKLGETEKLSIMIEECGG
LDKIEALQRHENESVTKASLNLIEKYFSVEEEEDQNVVPETTSEGFAFQVQDGAPGTFNF
;
A
2 'polypeptide(L)' FDARKRQFDDLNDFFGSVKRRQIN B,C
#
# COMPACT_ATOMS: atom_id res chain seq x y z
N GLY A 3 7.33 -41.31 -9.87
CA GLY A 3 6.95 -41.89 -8.60
C GLY A 3 5.66 -41.32 -8.03
N THR A 4 5.72 -40.06 -7.63
CA THR A 4 4.56 -39.35 -7.07
C THR A 4 4.04 -38.28 -8.03
N VAL A 5 4.25 -38.46 -9.32
CA VAL A 5 3.91 -37.47 -10.33
C VAL A 5 2.63 -37.91 -11.03
N ASN A 6 1.67 -36.99 -11.11
CA ASN A 6 0.41 -37.19 -11.85
C ASN A 6 -0.48 -38.25 -11.22
N TRP A 7 -0.59 -38.24 -9.89
CA TRP A 7 -1.57 -39.08 -9.23
C TRP A 7 -2.96 -38.51 -9.40
N SER A 8 -3.95 -39.39 -9.49
CA SER A 8 -5.33 -38.95 -9.38
C SER A 8 -5.66 -38.67 -7.92
N VAL A 9 -6.69 -37.86 -7.70
CA VAL A 9 -7.15 -37.59 -6.35
C VAL A 9 -7.59 -38.89 -5.68
N GLU A 10 -8.22 -39.78 -6.45
CA GLU A 10 -8.67 -41.05 -5.92
C GLU A 10 -7.51 -41.88 -5.38
N ASP A 11 -6.39 -41.93 -6.12
CA ASP A 11 -5.23 -42.66 -5.63
C ASP A 11 -4.60 -41.98 -4.43
N ILE A 12 -4.64 -40.65 -4.37
CA ILE A 12 -4.12 -39.94 -3.21
C ILE A 12 -4.92 -40.29 -1.96
N VAL A 13 -6.25 -40.27 -2.09
CA VAL A 13 -7.12 -40.64 -0.96
C VAL A 13 -6.83 -42.07 -0.52
N LYS A 14 -6.65 -42.99 -1.47
CA LYS A 14 -6.42 -44.38 -1.14
C LYS A 14 -5.14 -44.55 -0.33
N GLY A 15 -4.07 -43.84 -0.72
CA GLY A 15 -2.81 -43.97 0.00
C GLY A 15 -2.85 -43.31 1.36
N ILE A 16 -3.57 -42.19 1.48
CA ILE A 16 -3.60 -41.46 2.74
C ILE A 16 -4.45 -42.19 3.77
N ASN A 17 -5.46 -42.94 3.32
CA ASN A 17 -6.32 -43.72 4.21
C ASN A 17 -5.78 -45.13 4.49
N SER A 18 -4.50 -45.39 4.18
CA SER A 18 -3.99 -46.75 4.06
C SER A 18 -3.50 -47.37 5.37
N ASN A 19 -3.41 -46.60 6.46
CA ASN A 19 -2.82 -47.05 7.73
C ASN A 19 -1.33 -47.35 7.62
N ASN A 20 -0.68 -46.96 6.52
CA ASN A 20 0.74 -47.21 6.28
C ASN A 20 1.43 -45.87 6.15
N LEU A 21 2.29 -45.55 7.12
CA LEU A 21 2.89 -44.21 7.16
C LEU A 21 3.67 -43.90 5.89
N GLU A 22 4.42 -44.88 5.39
CA GLU A 22 5.17 -44.66 4.15
C GLU A 22 4.22 -44.49 2.96
N SER A 23 3.17 -45.32 2.88
CA SER A 23 2.16 -45.12 1.86
C SER A 23 1.50 -43.75 2.00
N GLN A 24 1.25 -43.32 3.24
CA GLN A 24 0.68 -42.00 3.45
C GLN A 24 1.64 -40.90 3.02
N LEU A 25 2.94 -41.07 3.31
CA LEU A 25 3.92 -40.07 2.93
C LEU A 25 3.98 -39.92 1.41
N GLN A 26 4.01 -41.03 0.68
CA GLN A 26 4.08 -40.96 -0.77
C GLN A 26 2.81 -40.35 -1.35
N ALA A 27 1.66 -40.65 -0.76
CA ALA A 27 0.42 -40.05 -1.23
C ALA A 27 0.35 -38.57 -0.91
N THR A 28 0.92 -38.15 0.23
CA THR A 28 0.91 -36.73 0.58
C THR A 28 1.84 -35.93 -0.32
N GLN A 29 3.00 -36.49 -0.65
CA GLN A 29 3.89 -35.82 -1.61
C GLN A 29 3.22 -35.71 -2.98
N ALA A 30 2.51 -36.77 -3.40
CA ALA A 30 1.76 -36.70 -4.65
C ALA A 30 0.72 -35.58 -4.61
N ALA A 31 0.06 -35.40 -3.45
CA ALA A 31 -0.88 -34.29 -3.32
C ALA A 31 -0.17 -32.96 -3.39
N ARG A 32 1.01 -32.86 -2.77
CA ARG A 32 1.79 -31.63 -2.83
C ARG A 32 2.13 -31.26 -4.26
N LYS A 33 2.56 -32.24 -5.06
CA LYS A 33 2.95 -31.95 -6.44
C LYS A 33 1.73 -31.57 -7.28
N LEU A 34 0.60 -32.22 -7.05
CA LEU A 34 -0.64 -31.80 -7.70
C LEU A 34 -0.95 -30.34 -7.38
N LEU A 35 -0.88 -29.98 -6.09
CA LEU A 35 -1.21 -28.63 -5.65
C LEU A 35 -0.13 -27.61 -6.01
N SER A 36 1.02 -28.05 -6.53
CA SER A 36 2.11 -27.16 -6.88
C SER A 36 2.26 -26.95 -8.37
N ARG A 37 1.40 -27.55 -9.20
CA ARG A 37 1.49 -27.34 -10.63
C ARG A 37 1.03 -25.94 -11.00
N GLU A 38 1.47 -25.49 -12.18
CA GLU A 38 1.23 -24.11 -12.57
C GLU A 38 -0.24 -23.87 -12.91
N LYS A 39 -0.82 -24.71 -13.75
CA LYS A 39 -2.14 -24.48 -14.32
C LYS A 39 -3.20 -25.23 -13.50
N GLN A 40 -4.08 -24.46 -12.85
CA GLN A 40 -5.29 -24.94 -12.20
C GLN A 40 -5.03 -26.11 -11.26
N PRO A 41 -4.43 -25.88 -10.10
CA PRO A 41 -4.32 -26.95 -9.10
C PRO A 41 -5.70 -27.34 -8.61
N PRO A 42 -5.97 -28.64 -8.46
CA PRO A 42 -7.33 -29.08 -8.07
C PRO A 42 -7.57 -28.94 -6.57
N ILE A 43 -7.58 -27.70 -6.10
CA ILE A 43 -7.72 -27.43 -4.67
C ILE A 43 -9.08 -27.91 -4.18
N ASP A 44 -10.15 -27.58 -4.90
CA ASP A 44 -11.48 -27.96 -4.46
C ASP A 44 -11.65 -29.47 -4.46
N ASN A 45 -11.07 -30.14 -5.46
CA ASN A 45 -11.10 -31.61 -5.47
C ASN A 45 -10.45 -32.18 -4.23
N ILE A 46 -9.30 -31.64 -3.83
CA ILE A 46 -8.60 -32.12 -2.64
C ILE A 46 -9.42 -31.84 -1.38
N ILE A 47 -10.04 -30.66 -1.30
CA ILE A 47 -10.88 -30.33 -0.15
C ILE A 47 -12.07 -31.27 -0.10
N ARG A 48 -12.76 -31.44 -1.22
CA ARG A 48 -13.98 -32.25 -1.24
C ARG A 48 -13.70 -33.71 -0.90
N ALA A 49 -12.48 -34.18 -1.14
CA ALA A 49 -12.11 -35.53 -0.76
C ALA A 49 -11.87 -35.67 0.74
N GLY A 50 -12.00 -34.59 1.51
CA GLY A 50 -11.84 -34.66 2.95
C GLY A 50 -10.42 -34.86 3.42
N LEU A 51 -9.43 -34.38 2.66
CA LEU A 51 -8.03 -34.65 2.98
C LEU A 51 -7.42 -33.67 3.97
N ILE A 52 -8.06 -32.52 4.20
CA ILE A 52 -7.45 -31.51 5.07
C ILE A 52 -7.26 -32.01 6.50
N PRO A 53 -8.23 -32.65 7.14
CA PRO A 53 -7.97 -33.17 8.50
C PRO A 53 -6.79 -34.12 8.57
N LYS A 54 -6.59 -34.97 7.56
CA LYS A 54 -5.44 -35.87 7.57
C LYS A 54 -4.13 -35.11 7.39
N PHE A 55 -4.12 -34.14 6.48
CA PHE A 55 -2.94 -33.28 6.33
C PHE A 55 -2.59 -32.61 7.67
N VAL A 56 -3.60 -32.11 8.37
CA VAL A 56 -3.36 -31.41 9.63
C VAL A 56 -2.78 -32.35 10.67
N SER A 57 -3.32 -33.58 10.74
CA SER A 57 -2.77 -34.55 11.69
C SER A 57 -1.34 -34.92 11.34
N PHE A 58 -1.00 -34.93 10.05
CA PHE A 58 0.37 -35.22 9.64
C PHE A 58 1.35 -34.13 10.10
N LEU A 59 0.87 -32.91 10.34
CA LEU A 59 1.74 -31.85 10.81
C LEU A 59 2.36 -32.18 12.17
N GLY A 60 1.70 -33.03 12.95
CA GLY A 60 2.16 -33.38 14.28
C GLY A 60 3.03 -34.61 14.37
N LYS A 61 3.39 -35.23 13.24
CA LYS A 61 4.17 -36.47 13.26
C LYS A 61 5.65 -36.12 13.32
N THR A 62 6.15 -35.93 14.55
CA THR A 62 7.53 -35.48 14.76
C THR A 62 8.54 -36.52 14.29
N ASP A 63 8.21 -37.80 14.35
CA ASP A 63 9.17 -38.84 13.97
C ASP A 63 9.28 -39.02 12.46
N CYS A 64 8.48 -38.30 11.68
CA CYS A 64 8.54 -38.38 10.22
C CYS A 64 8.47 -36.95 9.66
N SER A 65 9.59 -36.24 9.75
CA SER A 65 9.64 -34.88 9.26
C SER A 65 9.30 -34.75 7.77
N PRO A 66 9.59 -35.72 6.88
CA PRO A 66 9.12 -35.57 5.49
C PRO A 66 7.62 -35.39 5.35
N ILE A 67 6.81 -36.13 6.12
CA ILE A 67 5.37 -35.99 5.96
C ILE A 67 4.88 -34.70 6.61
N GLN A 68 5.59 -34.18 7.61
CA GLN A 68 5.29 -32.84 8.11
C GLN A 68 5.53 -31.80 7.02
N PHE A 69 6.66 -31.92 6.32
CA PHE A 69 7.00 -30.99 5.25
C PHE A 69 5.98 -31.07 4.11
N GLU A 70 5.70 -32.29 3.63
CA GLU A 70 4.82 -32.45 2.48
C GLU A 70 3.41 -31.97 2.79
N SER A 71 2.89 -32.30 3.98
CA SER A 71 1.55 -31.87 4.34
C SER A 71 1.50 -30.37 4.62
N ALA A 72 2.57 -29.81 5.19
CA ALA A 72 2.62 -28.36 5.37
C ALA A 72 2.61 -27.64 4.02
N TRP A 73 3.38 -28.15 3.06
CA TRP A 73 3.38 -27.59 1.72
C TRP A 73 2.01 -27.72 1.07
N ALA A 74 1.39 -28.89 1.18
CA ALA A 74 0.05 -29.09 0.60
C ALA A 74 -0.94 -28.10 1.20
N LEU A 75 -0.95 -27.97 2.53
CA LEU A 75 -1.89 -27.06 3.17
C LEU A 75 -1.57 -25.60 2.83
N THR A 76 -0.27 -25.28 2.70
CA THR A 76 0.11 -23.93 2.32
C THR A 76 -0.52 -23.53 1.00
N ASN A 77 -0.53 -24.42 0.02
CA ASN A 77 -1.04 -24.08 -1.30
C ASN A 77 -2.56 -24.08 -1.35
N ILE A 78 -3.22 -24.92 -0.56
CA ILE A 78 -4.68 -24.79 -0.41
C ILE A 78 -5.01 -23.43 0.20
N ALA A 79 -4.28 -23.05 1.25
CA ALA A 79 -4.53 -21.78 1.92
C ALA A 79 -4.22 -20.58 1.04
N SER A 80 -3.43 -20.78 -0.04
CA SER A 80 -3.13 -19.69 -0.96
C SER A 80 -4.30 -19.34 -1.87
N GLY A 81 -5.39 -20.10 -1.82
CA GLY A 81 -6.49 -19.89 -2.74
C GLY A 81 -7.52 -18.88 -2.27
N THR A 82 -8.79 -19.15 -2.55
CA THR A 82 -9.88 -18.25 -2.17
C THR A 82 -10.06 -18.24 -0.66
N SER A 83 -10.89 -17.31 -0.20
CA SER A 83 -11.21 -17.24 1.23
C SER A 83 -11.85 -18.54 1.71
N GLU A 84 -12.76 -19.09 0.91
CA GLU A 84 -13.34 -20.40 1.21
C GLU A 84 -12.28 -21.46 1.39
N GLN A 85 -11.29 -21.48 0.50
CA GLN A 85 -10.26 -22.50 0.55
C GLN A 85 -9.33 -22.28 1.74
N THR A 86 -9.02 -21.01 2.04
CA THR A 86 -8.26 -20.72 3.25
C THR A 86 -9.06 -21.09 4.49
N LYS A 87 -10.37 -20.82 4.48
CA LYS A 87 -11.21 -21.17 5.62
C LYS A 87 -11.20 -22.67 5.88
N ALA A 88 -11.19 -23.49 4.82
CA ALA A 88 -11.16 -24.93 5.01
C ALA A 88 -9.89 -25.37 5.73
N VAL A 89 -8.77 -24.73 5.43
CA VAL A 89 -7.52 -25.02 6.13
C VAL A 89 -7.63 -24.62 7.60
N VAL A 90 -8.15 -23.43 7.86
CA VAL A 90 -8.33 -22.97 9.23
C VAL A 90 -9.31 -23.87 9.97
N ASP A 91 -10.42 -24.24 9.30
CA ASP A 91 -11.43 -25.07 9.94
C ASP A 91 -10.90 -26.44 10.34
N GLY A 92 -9.85 -26.92 9.67
CA GLY A 92 -9.24 -28.18 10.03
C GLY A 92 -8.28 -28.12 11.19
N GLY A 93 -8.14 -26.97 11.84
CA GLY A 93 -7.24 -26.84 12.97
C GLY A 93 -5.80 -26.56 12.62
N ALA A 94 -5.54 -26.00 11.45
CA ALA A 94 -4.16 -25.87 10.99
C ALA A 94 -3.40 -24.76 11.69
N ILE A 95 -4.08 -23.76 12.23
CA ILE A 95 -3.40 -22.59 12.79
C ILE A 95 -2.51 -22.98 13.95
N PRO A 96 -3.01 -23.64 15.01
CA PRO A 96 -2.09 -24.00 16.10
C PRO A 96 -1.07 -25.04 15.70
N ALA A 97 -1.41 -25.93 14.76
CA ALA A 97 -0.45 -26.92 14.28
C ALA A 97 0.73 -26.24 13.58
N PHE A 98 0.45 -25.23 12.75
CA PHE A 98 1.52 -24.52 12.06
C PHE A 98 2.37 -23.72 13.03
N ILE A 99 1.73 -23.09 14.03
CA ILE A 99 2.48 -22.33 15.03
C ILE A 99 3.43 -23.24 15.79
N SER A 100 3.01 -24.46 16.06
CA SER A 100 3.88 -25.44 16.72
C SER A 100 5.08 -25.75 15.84
N LEU A 101 4.91 -25.79 14.52
CA LEU A 101 5.98 -26.12 13.60
C LEU A 101 6.98 -24.98 13.43
N LEU A 102 6.67 -23.77 13.89
CA LEU A 102 7.62 -22.67 13.77
C LEU A 102 8.92 -22.96 14.52
N ALA A 103 8.85 -23.75 15.59
CA ALA A 103 10.02 -24.10 16.39
C ALA A 103 10.67 -25.40 15.93
N SER A 104 10.31 -25.92 14.76
CA SER A 104 10.89 -27.17 14.29
C SER A 104 12.39 -27.01 14.09
N PRO A 105 13.19 -28.03 14.41
CA PRO A 105 14.63 -27.94 14.14
C PRO A 105 14.97 -28.01 12.66
N HIS A 106 14.03 -28.44 11.81
CA HIS A 106 14.25 -28.49 10.37
C HIS A 106 13.82 -27.14 9.78
N ALA A 107 14.79 -26.41 9.24
CA ALA A 107 14.51 -25.07 8.73
C ALA A 107 13.50 -25.08 7.60
N HIS A 108 13.50 -26.12 6.77
CA HIS A 108 12.57 -26.14 5.65
C HIS A 108 11.14 -26.39 6.10
N ILE A 109 10.95 -27.04 7.25
CA ILE A 109 9.61 -27.20 7.80
C ILE A 109 9.16 -25.92 8.49
N SER A 110 10.04 -25.32 9.29
CA SER A 110 9.74 -24.03 9.90
C SER A 110 9.34 -23.01 8.84
N GLU A 111 10.08 -22.96 7.73
CA GLU A 111 9.78 -22.00 6.67
C GLU A 111 8.42 -22.28 6.05
N GLN A 112 8.05 -23.56 5.89
CA GLN A 112 6.75 -23.90 5.33
C GLN A 112 5.64 -23.41 6.25
N ALA A 113 5.82 -23.53 7.56
CA ALA A 113 4.82 -23.04 8.51
C ALA A 113 4.72 -21.52 8.46
N VAL A 114 5.85 -20.84 8.30
CA VAL A 114 5.82 -19.39 8.12
C VAL A 114 4.99 -19.02 6.90
N TRP A 115 5.23 -19.73 5.79
CA TRP A 115 4.50 -19.45 4.56
C TRP A 115 3.00 -19.68 4.74
N ALA A 116 2.63 -20.80 5.34
CA ALA A 116 1.23 -21.11 5.55
C ALA A 116 0.52 -20.04 6.38
N LEU A 117 1.16 -19.61 7.47
CA LEU A 117 0.56 -18.59 8.31
C LEU A 117 0.46 -17.25 7.58
N GLY A 118 1.40 -16.96 6.69
CA GLY A 118 1.28 -15.76 5.87
C GLY A 118 0.07 -15.78 4.96
N ASN A 119 -0.22 -16.96 4.38
CA ASN A 119 -1.40 -17.08 3.53
C ASN A 119 -2.68 -16.96 4.34
N ILE A 120 -2.71 -17.58 5.52
CA ILE A 120 -3.89 -17.51 6.37
C ILE A 120 -4.12 -16.08 6.86
N ALA A 121 -3.10 -15.47 7.45
CA ALA A 121 -3.23 -14.09 7.92
C ALA A 121 -3.56 -13.15 6.77
N GLY A 122 -3.02 -13.43 5.58
CA GLY A 122 -3.25 -12.57 4.44
C GLY A 122 -4.66 -12.58 3.90
N ASP A 123 -5.51 -13.50 4.36
CA ASP A 123 -6.86 -13.58 3.84
C ASP A 123 -7.68 -12.37 4.25
N GLY A 124 -7.48 -11.86 5.45
CA GLY A 124 -8.27 -10.75 5.94
C GLY A 124 -8.03 -10.53 7.41
N SER A 125 -8.70 -9.50 7.93
CA SER A 125 -8.44 -9.07 9.31
C SER A 125 -8.84 -10.14 10.32
N ALA A 126 -9.93 -10.88 10.04
CA ALA A 126 -10.42 -11.88 10.98
C ALA A 126 -9.40 -13.00 11.16
N PHE A 127 -8.97 -13.63 10.05
CA PHE A 127 -7.96 -14.67 10.15
C PHE A 127 -6.61 -14.12 10.60
N ARG A 128 -6.29 -12.89 10.20
CA ARG A 128 -5.10 -12.23 10.72
C ARG A 128 -5.13 -12.17 12.24
N ASP A 129 -6.24 -11.67 12.80
CA ASP A 129 -6.34 -11.56 14.25
C ASP A 129 -6.47 -12.93 14.91
N LEU A 130 -7.01 -13.92 14.21
CA LEU A 130 -7.07 -15.27 14.78
C LEU A 130 -5.70 -15.89 14.89
N VAL A 131 -4.85 -15.68 13.87
CA VAL A 131 -3.47 -16.15 13.93
C VAL A 131 -2.74 -15.49 15.09
N ILE A 132 -3.01 -14.20 15.33
CA ILE A 132 -2.39 -13.50 16.45
C ILE A 132 -2.89 -14.07 17.78
N LYS A 133 -4.19 -14.35 17.89
CA LYS A 133 -4.73 -14.86 19.15
C LYS A 133 -4.16 -16.23 19.48
N HIS A 134 -3.87 -17.04 18.47
CA HIS A 134 -3.23 -18.33 18.70
C HIS A 134 -1.77 -18.20 19.10
N GLY A 135 -1.21 -16.99 19.11
CA GLY A 135 0.13 -16.77 19.63
C GLY A 135 1.26 -16.87 18.63
N ALA A 136 1.03 -16.49 17.37
CA ALA A 136 2.04 -16.68 16.34
C ALA A 136 3.18 -15.67 16.42
N ILE A 137 2.94 -14.49 17.00
CA ILE A 137 3.92 -13.41 16.87
C ILE A 137 5.21 -13.76 17.61
N ASP A 138 5.09 -14.26 18.84
CA ASP A 138 6.28 -14.59 19.63
C ASP A 138 7.21 -15.54 18.89
N PRO A 139 6.77 -16.72 18.43
CA PRO A 139 7.73 -17.62 17.74
C PRO A 139 8.18 -17.10 16.38
N LEU A 140 7.35 -16.32 15.68
CA LEU A 140 7.80 -15.73 14.42
C LEU A 140 8.96 -14.76 14.65
N LEU A 141 8.80 -13.87 15.63
CA LEU A 141 9.86 -12.91 15.92
C LEU A 141 11.12 -13.59 16.45
N ALA A 142 10.95 -14.72 17.17
CA ALA A 142 12.11 -15.43 17.69
C ALA A 142 12.97 -16.00 16.57
N LEU A 143 12.37 -16.31 15.41
CA LEU A 143 13.15 -16.78 14.28
C LEU A 143 14.09 -15.71 13.74
N LEU A 144 13.81 -14.44 14.02
CA LEU A 144 14.65 -13.33 13.59
C LEU A 144 15.50 -12.76 14.72
N ALA A 145 15.56 -13.45 15.87
CA ALA A 145 16.34 -12.97 17.01
C ALA A 145 17.79 -13.43 16.87
N VAL A 146 18.45 -12.85 15.88
CA VAL A 146 19.86 -13.13 15.62
C VAL A 146 20.61 -11.79 15.55
N PRO A 147 21.90 -11.76 15.87
CA PRO A 147 22.60 -10.46 15.86
C PRO A 147 22.66 -9.80 14.49
N ASP A 148 22.70 -10.59 13.42
CA ASP A 148 22.83 -10.06 12.07
C ASP A 148 21.94 -10.87 11.15
N LEU A 149 20.94 -10.21 10.54
CA LEU A 149 20.03 -10.88 9.62
C LEU A 149 20.75 -11.51 8.44
N SER A 150 21.96 -11.05 8.13
CA SER A 150 22.68 -11.54 6.96
C SER A 150 23.06 -13.01 7.08
N THR A 151 23.05 -13.57 8.29
CA THR A 151 23.39 -14.97 8.48
C THR A 151 22.22 -15.91 8.19
N LEU A 152 21.01 -15.38 7.98
CA LEU A 152 19.86 -16.20 7.68
C LEU A 152 19.78 -16.47 6.18
N ALA A 153 19.23 -17.64 5.84
CA ALA A 153 19.04 -17.98 4.44
C ALA A 153 18.12 -16.95 3.77
N CYS A 154 18.46 -16.62 2.52
CA CYS A 154 17.80 -15.50 1.85
C CYS A 154 16.30 -15.75 1.69
N GLY A 155 15.92 -16.92 1.17
CA GLY A 155 14.51 -17.21 1.00
C GLY A 155 13.78 -17.31 2.33
N TYR A 156 14.44 -17.86 3.34
CA TYR A 156 13.87 -17.93 4.68
C TYR A 156 13.52 -16.54 5.19
N LEU A 157 14.44 -15.59 5.04
CA LEU A 157 14.21 -14.23 5.55
C LEU A 157 13.13 -13.51 4.75
N ARG A 158 13.11 -13.71 3.43
CA ARG A 158 12.07 -13.09 2.60
C ARG A 158 10.69 -13.58 2.99
N ASN A 159 10.57 -14.89 3.27
CA ASN A 159 9.27 -15.45 3.64
C ASN A 159 8.79 -14.91 4.99
N LEU A 160 9.71 -14.79 5.96
CA LEU A 160 9.33 -14.25 7.26
C LEU A 160 8.91 -12.78 7.15
N THR A 161 9.62 -12.01 6.34
CA THR A 161 9.26 -10.60 6.15
C THR A 161 7.87 -10.47 5.54
N TRP A 162 7.57 -11.30 4.54
CA TRP A 162 6.26 -11.23 3.89
C TRP A 162 5.15 -11.62 4.86
N THR A 163 5.35 -12.68 5.64
CA THR A 163 4.33 -13.10 6.59
C THR A 163 4.11 -12.05 7.67
N LEU A 164 5.19 -11.45 8.17
CA LEU A 164 5.05 -10.37 9.14
C LEU A 164 4.29 -9.20 8.55
N SER A 165 4.51 -8.89 7.27
CA SER A 165 3.77 -7.81 6.63
C SER A 165 2.28 -8.12 6.53
N ASN A 166 1.92 -9.39 6.35
CA ASN A 166 0.51 -9.74 6.31
C ASN A 166 -0.14 -9.62 7.68
N LEU A 167 0.64 -9.79 8.76
CA LEU A 167 0.11 -9.54 10.09
C LEU A 167 -0.12 -8.05 10.35
N CYS A 168 0.53 -7.18 9.57
CA CYS A 168 0.32 -5.74 9.66
C CYS A 168 -0.76 -5.24 8.70
N ARG A 169 -1.27 -6.09 7.83
CA ARG A 169 -2.12 -5.67 6.72
C ARG A 169 -3.59 -5.60 7.16
N ASN A 170 -4.34 -4.79 6.40
CA ASN A 170 -5.79 -4.67 6.46
C ASN A 170 -6.27 -3.76 7.59
N LYS A 171 -7.41 -3.11 7.37
CA LYS A 171 -8.10 -2.39 8.44
C LYS A 171 -9.53 -2.89 8.55
N ASN A 172 -10.35 -2.18 9.32
CA ASN A 172 -11.69 -2.62 9.68
C ASN A 172 -11.70 -4.06 10.23
N PRO A 173 -11.00 -4.31 11.35
CA PRO A 173 -10.18 -3.36 12.11
C PRO A 173 -8.69 -3.43 11.75
N ALA A 174 -7.96 -2.38 12.13
CA ALA A 174 -6.52 -2.44 12.11
C ALA A 174 -6.02 -3.51 13.08
N PRO A 175 -4.79 -3.98 12.91
CA PRO A 175 -4.29 -5.03 13.83
C PRO A 175 -4.25 -4.51 15.26
N PRO A 176 -4.27 -5.41 16.24
CA PRO A 176 -4.24 -4.97 17.64
C PRO A 176 -3.00 -4.11 17.92
N LEU A 177 -3.22 -3.05 18.70
CA LEU A 177 -2.13 -2.11 18.98
C LEU A 177 -0.94 -2.81 19.60
N ASP A 178 -1.17 -3.70 20.57
CA ASP A 178 -0.06 -4.40 21.21
C ASP A 178 0.66 -5.32 20.23
N ALA A 179 -0.06 -5.89 19.26
CA ALA A 179 0.60 -6.67 18.23
C ALA A 179 1.49 -5.80 17.35
N VAL A 180 1.00 -4.62 16.98
CA VAL A 180 1.81 -3.70 16.17
C VAL A 180 3.06 -3.28 16.93
N GLU A 181 2.92 -2.94 18.21
CA GLU A 181 4.07 -2.52 18.99
C GLU A 181 5.09 -3.64 19.14
N GLN A 182 4.62 -4.88 19.28
CA GLN A 182 5.54 -6.01 19.40
C GLN A 182 6.30 -6.25 18.10
N ILE A 183 5.67 -5.99 16.95
CA ILE A 183 6.29 -6.31 15.67
C ILE A 183 7.24 -5.20 15.20
N LEU A 184 6.93 -3.95 15.55
CA LEU A 184 7.60 -2.80 14.94
C LEU A 184 9.13 -2.85 15.06
N PRO A 185 9.74 -3.14 16.21
CA PRO A 185 11.22 -3.13 16.25
C PRO A 185 11.86 -4.09 15.27
N THR A 186 11.27 -5.27 15.06
CA THR A 186 11.78 -6.17 14.04
C THR A 186 11.57 -5.60 12.65
N LEU A 187 10.41 -5.01 12.40
CA LEU A 187 10.15 -4.35 11.13
C LEU A 187 11.21 -3.29 10.83
N VAL A 188 11.57 -2.48 11.83
CA VAL A 188 12.59 -1.46 11.65
C VAL A 188 13.91 -2.10 11.25
N ARG A 189 14.25 -3.23 11.88
CA ARG A 189 15.48 -3.93 11.53
C ARG A 189 15.43 -4.44 10.09
N LEU A 190 14.30 -5.01 9.68
CA LEU A 190 14.16 -5.49 8.30
C LEU A 190 14.19 -4.35 7.29
N LEU A 191 13.71 -3.17 7.68
CA LEU A 191 13.75 -1.99 6.82
C LEU A 191 15.16 -1.50 6.55
N HIS A 192 16.15 -1.96 7.31
CA HIS A 192 17.54 -1.59 7.11
C HIS A 192 18.37 -2.73 6.52
N HIS A 193 17.72 -3.84 6.15
CA HIS A 193 18.40 -4.96 5.50
C HIS A 193 18.70 -4.62 4.05
N ASN A 194 19.66 -5.34 3.46
CA ASN A 194 20.14 -5.02 2.13
C ASN A 194 19.61 -5.97 1.05
N ASP A 195 18.50 -6.66 1.32
CA ASP A 195 17.91 -7.46 0.24
C ASP A 195 16.71 -6.72 -0.35
N PRO A 196 16.65 -6.55 -1.68
CA PRO A 196 15.56 -5.76 -2.26
C PRO A 196 14.17 -6.29 -1.93
N GLU A 197 13.99 -7.61 -1.90
CA GLU A 197 12.66 -8.16 -1.62
C GLU A 197 12.26 -7.96 -0.17
N VAL A 198 13.22 -8.12 0.76
CA VAL A 198 12.95 -7.82 2.16
C VAL A 198 12.60 -6.34 2.32
N LEU A 199 13.35 -5.46 1.65
CA LEU A 199 13.07 -4.04 1.72
C LEU A 199 11.68 -3.71 1.19
N ALA A 200 11.29 -4.32 0.07
CA ALA A 200 9.98 -4.05 -0.51
C ALA A 200 8.86 -4.45 0.43
N ASP A 201 8.95 -5.66 1.01
CA ASP A 201 7.89 -6.14 1.88
C ASP A 201 7.91 -5.43 3.23
N SER A 202 9.10 -4.99 3.68
CA SER A 202 9.17 -4.17 4.89
C SER A 202 8.43 -2.85 4.69
N CYS A 203 8.61 -2.23 3.53
CA CYS A 203 7.93 -0.97 3.23
C CYS A 203 6.42 -1.17 3.10
N TRP A 204 6.01 -2.28 2.47
CA TRP A 204 4.59 -2.59 2.40
C TRP A 204 3.99 -2.69 3.80
N ALA A 205 4.70 -3.36 4.71
CA ALA A 205 4.24 -3.46 6.09
C ALA A 205 4.10 -2.08 6.72
N ILE A 206 5.10 -1.21 6.53
CA ILE A 206 5.03 0.13 7.07
C ILE A 206 3.90 0.92 6.41
N SER A 207 3.69 0.70 5.11
CA SER A 207 2.60 1.38 4.42
C SER A 207 1.25 0.97 4.98
N TYR A 208 1.10 -0.31 5.38
CA TYR A 208 -0.12 -0.75 6.04
C TYR A 208 -0.30 -0.06 7.38
N LEU A 209 0.76 -0.02 8.19
CA LEU A 209 0.65 0.50 9.55
C LEU A 209 0.40 2.00 9.57
N THR A 210 0.83 2.72 8.53
CA THR A 210 0.59 4.15 8.44
C THR A 210 -0.73 4.48 7.74
N ASP A 211 -1.44 3.47 7.24
CA ASP A 211 -2.74 3.67 6.59
C ASP A 211 -3.81 3.61 7.67
N GLY A 212 -4.00 4.73 8.35
CA GLY A 212 -4.99 4.82 9.40
C GLY A 212 -4.98 6.18 10.08
N PRO A 213 -5.57 6.26 11.27
CA PRO A 213 -5.62 7.53 11.99
C PRO A 213 -4.24 7.95 12.48
N ASN A 214 -4.15 9.21 12.91
CA ASN A 214 -2.86 9.79 13.26
C ASN A 214 -2.16 9.02 14.37
N GLU A 215 -2.92 8.40 15.27
CA GLU A 215 -2.31 7.63 16.35
C GLU A 215 -1.54 6.42 15.81
N ARG A 216 -2.04 5.82 14.72
CA ARG A 216 -1.32 4.71 14.10
C ARG A 216 -0.08 5.20 13.37
N ILE A 217 -0.18 6.33 12.67
CA ILE A 217 0.98 6.93 12.03
C ILE A 217 2.05 7.26 13.06
N GLU A 218 1.64 7.76 14.22
CA GLU A 218 2.60 8.21 15.22
C GLU A 218 3.41 7.04 15.77
N MET A 219 2.78 5.87 15.92
CA MET A 219 3.53 4.69 16.36
C MET A 219 4.71 4.40 15.44
N VAL A 220 4.53 4.63 14.14
CA VAL A 220 5.59 4.36 13.17
C VAL A 220 6.59 5.50 13.16
N VAL A 221 6.12 6.74 13.07
CA VAL A 221 7.00 7.89 12.98
C VAL A 221 7.90 7.98 14.22
N LYS A 222 7.36 7.64 15.39
CA LYS A 222 8.15 7.70 16.62
C LYS A 222 9.28 6.68 16.63
N LYS A 223 9.24 5.65 15.78
CA LYS A 223 10.33 4.70 15.67
C LYS A 223 11.50 5.24 14.87
N GLY A 224 11.39 6.46 14.33
CA GLY A 224 12.51 7.07 13.63
C GLY A 224 12.79 6.50 12.24
N VAL A 225 11.78 5.94 11.57
CA VAL A 225 12.00 5.28 10.29
C VAL A 225 11.86 6.20 9.09
N VAL A 226 11.39 7.44 9.28
CA VAL A 226 11.16 8.32 8.13
C VAL A 226 12.41 8.55 7.31
N PRO A 227 13.60 8.80 7.87
CA PRO A 227 14.79 8.93 7.03
C PRO A 227 15.07 7.70 6.17
N GLN A 228 14.91 6.50 6.72
CA GLN A 228 15.13 5.31 5.90
C GLN A 228 14.08 5.20 4.80
N LEU A 229 12.83 5.57 5.09
CA LEU A 229 11.80 5.55 4.06
C LEU A 229 12.13 6.52 2.94
N VAL A 230 12.66 7.69 3.27
CA VAL A 230 13.05 8.66 2.24
C VAL A 230 14.22 8.13 1.43
N LYS A 231 15.17 7.47 2.08
CA LYS A 231 16.27 6.85 1.34
C LYS A 231 15.74 5.82 0.35
N LEU A 232 14.81 4.98 0.79
CA LEU A 232 14.23 3.99 -0.10
C LEU A 232 13.35 4.62 -1.18
N LEU A 233 12.81 5.82 -0.92
CA LEU A 233 12.11 6.58 -1.94
C LEU A 233 12.96 6.78 -3.19
N GLY A 234 14.27 6.92 -3.02
CA GLY A 234 15.19 7.12 -4.12
C GLY A 234 15.82 5.87 -4.68
N ALA A 235 15.35 4.69 -4.28
CA ALA A 235 15.89 3.45 -4.81
C ALA A 235 15.62 3.34 -6.31
N THR A 236 16.43 2.53 -6.97
CA THR A 236 16.23 2.29 -8.40
C THR A 236 15.18 1.22 -8.67
N GLU A 237 14.93 0.34 -7.70
CA GLU A 237 13.97 -0.74 -7.88
C GLU A 237 12.55 -0.23 -7.66
N LEU A 238 11.73 -0.30 -8.71
CA LEU A 238 10.32 0.06 -8.58
C LEU A 238 9.58 -0.71 -7.50
N PRO A 239 9.82 -2.01 -7.28
CA PRO A 239 9.15 -2.70 -6.16
C PRO A 239 9.48 -2.12 -4.80
N ILE A 240 10.53 -1.32 -4.67
CA ILE A 240 10.82 -0.65 -3.41
C ILE A 240 10.22 0.75 -3.36
N VAL A 241 10.33 1.48 -4.48
CA VAL A 241 9.82 2.85 -4.51
C VAL A 241 8.31 2.88 -4.30
N THR A 242 7.60 1.91 -4.88
CA THR A 242 6.13 1.92 -4.79
C THR A 242 5.64 1.88 -3.35
N PRO A 243 6.04 0.91 -2.51
CA PRO A 243 5.56 0.95 -1.11
C PRO A 243 6.18 2.05 -0.28
N ALA A 244 7.44 2.41 -0.56
CA ALA A 244 8.06 3.54 0.15
C ALA A 244 7.27 4.82 -0.07
N LEU A 245 6.89 5.08 -1.33
CA LEU A 245 6.08 6.26 -1.62
C LEU A 245 4.70 6.16 -0.97
N ARG A 246 4.11 4.97 -0.97
CA ARG A 246 2.82 4.78 -0.30
C ARG A 246 2.92 5.11 1.18
N ALA A 247 3.99 4.65 1.83
CA ALA A 247 4.17 4.92 3.26
C ALA A 247 4.37 6.41 3.50
N ILE A 248 5.22 7.05 2.70
CA ILE A 248 5.44 8.49 2.84
C ILE A 248 4.14 9.25 2.62
N GLY A 249 3.39 8.87 1.59
CA GLY A 249 2.12 9.54 1.32
C GLY A 249 1.12 9.33 2.44
N ASN A 250 1.13 8.14 3.06
CA ASN A 250 0.25 7.89 4.20
C ASN A 250 0.63 8.78 5.38
N ILE A 251 1.93 8.94 5.63
CA ILE A 251 2.38 9.70 6.79
C ILE A 251 1.95 11.17 6.68
N VAL A 252 2.01 11.73 5.46
CA VAL A 252 1.64 13.14 5.30
C VAL A 252 0.14 13.36 5.28
N THR A 253 -0.67 12.32 5.44
CA THR A 253 -2.08 12.53 5.75
C THR A 253 -2.31 12.78 7.23
N GLY A 254 -1.28 12.69 8.05
CA GLY A 254 -1.40 12.92 9.48
C GLY A 254 -1.30 14.38 9.84
N THR A 255 -0.74 14.66 11.02
CA THR A 255 -0.64 16.01 11.52
C THR A 255 0.43 16.80 10.76
N ASP A 256 0.40 18.12 10.93
CA ASP A 256 1.45 18.96 10.38
C ASP A 256 2.82 18.55 10.93
N GLU A 257 2.86 18.13 12.19
CA GLU A 257 4.13 17.72 12.80
C GLU A 257 4.65 16.43 12.17
N GLN A 258 3.76 15.46 11.93
CA GLN A 258 4.19 14.24 11.25
C GLN A 258 4.61 14.53 9.81
N THR A 259 3.88 15.43 9.14
CA THR A 259 4.27 15.84 7.79
C THR A 259 5.64 16.51 7.80
N GLN A 260 5.93 17.28 8.84
CA GLN A 260 7.22 17.98 8.91
C GLN A 260 8.39 17.01 8.98
N LYS A 261 8.20 15.86 9.65
CA LYS A 261 9.26 14.86 9.71
C LYS A 261 9.64 14.38 8.31
N VAL A 262 8.64 14.24 7.43
CA VAL A 262 8.91 13.84 6.06
C VAL A 262 9.72 14.92 5.33
N ILE A 263 9.35 16.18 5.50
CA ILE A 263 10.10 17.28 4.88
C ILE A 263 11.50 17.37 5.48
N ASP A 264 11.61 17.26 6.81
CA ASP A 264 12.90 17.34 7.47
C ASP A 264 13.87 16.28 6.96
N ALA A 265 13.36 15.09 6.64
CA ALA A 265 14.18 13.99 6.17
C ALA A 265 14.67 14.15 4.74
N GLY A 266 14.25 15.21 4.04
CA GLY A 266 14.70 15.45 2.69
C GLY A 266 13.84 14.86 1.59
N ALA A 267 12.58 14.52 1.88
CA ALA A 267 11.76 13.81 0.91
C ALA A 267 11.47 14.65 -0.33
N LEU A 268 11.34 15.97 -0.17
CA LEU A 268 10.95 16.81 -1.30
C LEU A 268 11.98 16.82 -2.42
N ALA A 269 13.25 16.53 -2.12
CA ALA A 269 14.28 16.52 -3.16
C ALA A 269 14.08 15.40 -4.17
N VAL A 270 13.34 14.35 -3.82
CA VAL A 270 13.09 13.23 -4.73
C VAL A 270 11.94 13.51 -5.69
N PHE A 271 11.12 14.52 -5.41
CA PHE A 271 9.86 14.66 -6.15
C PHE A 271 10.00 15.21 -7.57
N PRO A 272 11.07 15.91 -7.95
CA PRO A 272 11.28 16.13 -9.40
C PRO A 272 11.27 14.83 -10.18
N SER A 273 11.94 13.79 -9.67
CA SER A 273 11.92 12.49 -10.31
C SER A 273 10.54 11.85 -10.24
N LEU A 274 9.95 11.84 -9.04
CA LEU A 274 8.68 11.14 -8.85
C LEU A 274 7.58 11.75 -9.69
N LEU A 275 7.52 13.09 -9.76
CA LEU A 275 6.46 13.75 -10.50
C LEU A 275 6.65 13.68 -12.01
N THR A 276 7.79 13.17 -12.48
CA THR A 276 7.99 12.86 -13.90
C THR A 276 8.20 11.37 -14.15
N ASN A 277 7.92 10.54 -13.16
CA ASN A 277 8.24 9.11 -13.28
C ASN A 277 7.42 8.48 -14.41
N PRO A 278 8.05 7.64 -15.24
CA PRO A 278 7.33 7.05 -16.37
C PRO A 278 6.23 6.08 -15.97
N LYS A 279 6.23 5.58 -14.73
CA LYS A 279 5.17 4.68 -14.28
C LYS A 279 4.01 5.51 -13.75
N THR A 280 2.84 5.34 -14.37
CA THR A 280 1.68 6.18 -14.09
C THR A 280 1.32 6.18 -12.61
N ASN A 281 1.40 5.01 -11.96
CA ASN A 281 0.97 4.92 -10.57
C ASN A 281 1.90 5.70 -9.65
N ILE A 282 3.21 5.71 -9.94
CA ILE A 282 4.14 6.49 -9.13
C ILE A 282 3.84 7.97 -9.26
N GLN A 283 3.64 8.44 -10.49
CA GLN A 283 3.30 9.84 -10.72
C GLN A 283 2.01 10.22 -9.99
N LYS A 284 1.00 9.34 -10.03
CA LYS A 284 -0.27 9.64 -9.39
C LYS A 284 -0.11 9.74 -7.88
N GLU A 285 0.56 8.76 -7.26
CA GLU A 285 0.68 8.76 -5.80
C GLU A 285 1.65 9.83 -5.32
N ALA A 286 2.63 10.19 -6.14
CA ALA A 286 3.51 11.30 -5.78
C ALA A 286 2.75 12.63 -5.80
N THR A 287 1.83 12.79 -6.77
CA THR A 287 1.03 14.01 -6.81
C THR A 287 0.01 14.02 -5.68
N TRP A 288 -0.57 12.87 -5.36
CA TRP A 288 -1.43 12.76 -4.19
C TRP A 288 -0.68 13.17 -2.94
N THR A 289 0.55 12.67 -2.78
CA THR A 289 1.39 13.06 -1.65
C THR A 289 1.62 14.57 -1.63
N MET A 290 1.94 15.15 -2.78
CA MET A 290 2.11 16.60 -2.86
C MET A 290 0.85 17.33 -2.45
N SER A 291 -0.31 16.82 -2.84
CA SER A 291 -1.57 17.48 -2.50
C SER A 291 -1.79 17.54 -1.00
N ASN A 292 -1.34 16.53 -0.26
CA ASN A 292 -1.49 16.54 1.19
C ASN A 292 -0.41 17.38 1.87
N ILE A 293 0.71 17.62 1.20
CA ILE A 293 1.72 18.52 1.76
C ILE A 293 1.29 19.97 1.55
N THR A 294 0.73 20.30 0.38
CA THR A 294 0.23 21.65 0.16
C THR A 294 -1.03 21.94 0.96
N ALA A 295 -1.61 20.93 1.61
CA ALA A 295 -2.68 21.14 2.57
C ALA A 295 -2.15 21.46 3.96
N GLY A 296 -0.84 21.62 4.12
CA GLY A 296 -0.23 21.87 5.40
C GLY A 296 -0.04 23.35 5.68
N ARG A 297 0.92 23.63 6.58
CA ARG A 297 1.18 24.99 7.00
C ARG A 297 1.84 25.79 5.89
N GLN A 298 1.83 27.12 6.06
CA GLN A 298 2.41 28.00 5.06
C GLN A 298 3.92 27.82 4.95
N ASP A 299 4.59 27.48 6.05
CA ASP A 299 6.02 27.18 5.97
C ASP A 299 6.28 25.87 5.23
N GLN A 300 5.30 24.96 5.24
CA GLN A 300 5.46 23.73 4.49
C GLN A 300 5.16 23.94 3.00
N ILE A 301 4.20 24.80 2.69
CA ILE A 301 4.02 25.24 1.31
C ILE A 301 5.28 25.91 0.80
N GLN A 302 5.94 26.70 1.66
CA GLN A 302 7.15 27.39 1.26
C GLN A 302 8.27 26.42 0.92
N GLN A 303 8.34 25.28 1.63
CA GLN A 303 9.32 24.26 1.30
C GLN A 303 9.05 23.69 -0.09
N VAL A 304 7.77 23.47 -0.42
CA VAL A 304 7.41 23.05 -1.77
C VAL A 304 7.90 24.08 -2.79
N VAL A 305 7.75 25.36 -2.46
CA VAL A 305 8.24 26.43 -3.35
C VAL A 305 9.76 26.35 -3.46
N ASN A 306 10.45 26.31 -2.32
CA ASN A 306 11.91 26.36 -2.32
C ASN A 306 12.52 25.21 -3.11
N HIS A 307 11.90 24.03 -3.03
CA HIS A 307 12.37 22.85 -3.74
C HIS A 307 12.02 22.87 -5.22
N GLY A 308 11.48 23.97 -5.73
CA GLY A 308 11.18 24.07 -7.15
C GLY A 308 10.08 23.14 -7.62
N LEU A 309 9.15 22.78 -6.75
CA LEU A 309 8.15 21.77 -7.08
C LEU A 309 6.90 22.34 -7.72
N VAL A 310 6.67 23.65 -7.62
CA VAL A 310 5.50 24.24 -8.27
C VAL A 310 5.57 24.10 -9.78
N PRO A 311 6.70 24.36 -10.46
CA PRO A 311 6.77 24.04 -11.89
C PRO A 311 6.44 22.59 -12.21
N PHE A 312 6.80 21.65 -11.33
CA PHE A 312 6.45 20.25 -11.57
C PHE A 312 4.96 20.01 -11.41
N LEU A 313 4.31 20.72 -10.50
CA LEU A 313 2.85 20.63 -10.40
C LEU A 313 2.18 21.22 -11.63
N VAL A 314 2.70 22.35 -12.13
CA VAL A 314 2.22 22.87 -13.41
C VAL A 314 2.38 21.83 -14.50
N GLY A 315 3.49 21.08 -14.46
CA GLY A 315 3.73 20.07 -15.49
C GLY A 315 2.69 18.97 -15.48
N VAL A 316 2.44 18.37 -14.32
CA VAL A 316 1.47 17.27 -14.26
C VAL A 316 0.06 17.78 -14.55
N LEU A 317 -0.25 19.02 -14.17
CA LEU A 317 -1.54 19.60 -14.52
C LEU A 317 -1.68 19.77 -16.03
N SER A 318 -0.59 20.16 -16.69
CA SER A 318 -0.64 20.38 -18.14
C SER A 318 -0.75 19.06 -18.91
N LYS A 319 -0.05 18.03 -18.44
CA LYS A 319 0.00 16.77 -19.20
C LYS A 319 0.30 15.64 -18.23
N ALA A 320 -0.66 14.73 -18.08
CA ALA A 320 -0.50 13.53 -17.26
C ALA A 320 -1.73 12.66 -17.48
N ASP A 321 -1.68 11.44 -16.95
CA ASP A 321 -2.88 10.63 -16.82
C ASP A 321 -3.94 11.43 -16.06
N PHE A 322 -5.20 11.24 -16.44
CA PHE A 322 -6.26 12.10 -15.89
C PHE A 322 -6.35 11.97 -14.38
N LYS A 323 -6.22 10.76 -13.85
CA LYS A 323 -6.23 10.58 -12.40
C LYS A 323 -5.10 11.33 -11.73
N THR A 324 -3.93 11.41 -12.39
CA THR A 324 -2.84 12.22 -11.87
C THR A 324 -3.18 13.70 -11.95
N GLN A 325 -3.81 14.13 -13.05
CA GLN A 325 -4.22 15.53 -13.18
C GLN A 325 -5.22 15.90 -12.10
N LYS A 326 -6.12 14.97 -11.75
CA LYS A 326 -7.08 15.23 -10.68
C LYS A 326 -6.37 15.46 -9.35
N GLU A 327 -5.35 14.66 -9.05
CA GLU A 327 -4.56 14.87 -7.85
C GLU A 327 -3.82 16.20 -7.91
N ALA A 328 -3.35 16.58 -9.11
CA ALA A 328 -2.69 17.87 -9.26
C ALA A 328 -3.64 19.02 -8.99
N ALA A 329 -4.89 18.89 -9.44
CA ALA A 329 -5.89 19.91 -9.15
C ALA A 329 -6.10 20.06 -7.64
N TRP A 330 -6.17 18.93 -6.92
CA TRP A 330 -6.29 18.98 -5.47
C TRP A 330 -5.09 19.69 -4.85
N ALA A 331 -3.88 19.39 -5.33
CA ALA A 331 -2.69 20.05 -4.81
C ALA A 331 -2.77 21.56 -5.01
N ILE A 332 -3.33 21.99 -6.14
CA ILE A 332 -3.42 23.42 -6.41
C ILE A 332 -4.47 24.06 -5.49
N THR A 333 -5.63 23.43 -5.34
CA THR A 333 -6.66 24.00 -4.49
C THR A 333 -6.24 24.04 -3.04
N ASN A 334 -5.54 23.00 -2.57
CA ASN A 334 -5.01 23.01 -1.21
C ASN A 334 -3.96 24.11 -1.05
N TYR A 335 -3.06 24.23 -2.03
CA TYR A 335 -2.07 25.31 -2.03
C TYR A 335 -2.74 26.67 -1.91
N THR A 336 -3.70 26.96 -2.79
CA THR A 336 -4.36 28.26 -2.80
C THR A 336 -5.25 28.46 -1.60
N SER A 337 -5.64 27.39 -0.91
CA SER A 337 -6.49 27.54 0.28
C SER A 337 -5.69 27.94 1.51
N GLY A 338 -4.44 27.48 1.62
CA GLY A 338 -3.66 27.75 2.80
C GLY A 338 -2.47 28.68 2.59
N GLY A 339 -2.15 28.98 1.33
CA GLY A 339 -0.96 29.74 1.04
C GLY A 339 -1.14 31.24 1.26
N THR A 340 0.00 31.93 1.37
CA THR A 340 -0.02 33.37 1.47
C THR A 340 -0.33 34.00 0.11
N VAL A 341 -0.54 35.32 0.12
CA VAL A 341 -0.74 36.06 -1.12
C VAL A 341 0.47 35.89 -2.02
N GLU A 342 1.67 36.06 -1.46
CA GLU A 342 2.90 35.90 -2.24
C GLU A 342 3.00 34.52 -2.86
N GLN A 343 2.70 33.48 -2.07
CA GLN A 343 2.78 32.12 -2.58
C GLN A 343 1.78 31.88 -3.70
N ILE A 344 0.58 32.46 -3.57
CA ILE A 344 -0.42 32.31 -4.63
C ILE A 344 0.00 33.08 -5.88
N VAL A 345 0.57 34.27 -5.68
CA VAL A 345 1.08 35.04 -6.82
C VAL A 345 2.15 34.26 -7.55
N TYR A 346 3.08 33.65 -6.79
CA TYR A 346 4.13 32.84 -7.40
C TYR A 346 3.54 31.70 -8.22
N LEU A 347 2.43 31.14 -7.77
CA LEU A 347 1.79 30.06 -8.50
C LEU A 347 1.31 30.51 -9.88
N VAL A 348 0.72 31.71 -9.96
CA VAL A 348 0.29 32.22 -11.25
C VAL A 348 1.48 32.54 -12.14
N HIS A 349 2.56 33.07 -11.55
CA HIS A 349 3.75 33.41 -12.32
C HIS A 349 4.38 32.17 -12.96
N CYS A 350 4.18 30.99 -12.35
CA CYS A 350 4.71 29.75 -12.88
C CYS A 350 3.83 29.16 -13.98
N GLY A 351 2.68 29.77 -14.27
CA GLY A 351 1.84 29.35 -15.35
C GLY A 351 0.70 28.40 -15.02
N ILE A 352 0.13 28.51 -13.80
CA ILE A 352 -0.90 27.56 -13.40
C ILE A 352 -2.23 27.81 -14.10
N ILE A 353 -2.46 29.03 -14.61
CA ILE A 353 -3.81 29.41 -15.02
C ILE A 353 -4.25 28.63 -16.25
N GLU A 354 -3.43 28.62 -17.30
CA GLU A 354 -3.84 27.97 -18.54
C GLU A 354 -4.12 26.48 -18.37
N PRO A 355 -3.23 25.67 -17.77
CA PRO A 355 -3.59 24.25 -17.57
C PRO A 355 -4.78 24.07 -16.64
N LEU A 356 -4.99 24.99 -15.69
CA LEU A 356 -6.19 24.93 -14.87
C LEU A 356 -7.44 25.09 -15.71
N MET A 357 -7.46 26.10 -16.58
CA MET A 357 -8.63 26.34 -17.43
C MET A 357 -8.86 25.19 -18.39
N ASN A 358 -7.78 24.64 -18.96
CA ASN A 358 -7.93 23.56 -19.92
C ASN A 358 -8.61 22.34 -19.31
N LEU A 359 -8.38 22.09 -18.02
CA LEU A 359 -8.99 20.96 -17.35
C LEU A 359 -10.47 21.18 -17.04
N LEU A 360 -10.98 22.39 -17.24
CA LEU A 360 -12.42 22.63 -17.07
C LEU A 360 -13.24 21.98 -18.17
N SER A 361 -12.60 21.43 -19.20
CA SER A 361 -13.29 20.65 -20.22
C SER A 361 -13.57 19.21 -19.78
N ALA A 362 -12.97 18.77 -18.67
CA ALA A 362 -13.18 17.41 -18.20
C ALA A 362 -14.64 17.20 -17.78
N LYS A 363 -15.04 15.94 -17.74
CA LYS A 363 -16.41 15.58 -17.37
C LYS A 363 -16.52 15.09 -15.93
N ASP A 364 -15.40 14.78 -15.27
CA ASP A 364 -15.42 14.44 -13.86
C ASP A 364 -15.89 15.63 -13.05
N THR A 365 -17.12 15.55 -12.53
CA THR A 365 -17.74 16.71 -11.88
C THR A 365 -16.93 17.21 -10.69
N LYS A 366 -16.22 16.31 -10.00
CA LYS A 366 -15.48 16.72 -8.81
C LYS A 366 -14.27 17.58 -9.17
N ILE A 367 -13.57 17.25 -10.26
CA ILE A 367 -12.39 18.04 -10.62
C ILE A 367 -12.80 19.45 -11.03
N ILE A 368 -14.01 19.62 -11.56
CA ILE A 368 -14.48 20.97 -11.89
C ILE A 368 -14.74 21.76 -10.62
N GLN A 369 -15.37 21.13 -9.62
CA GLN A 369 -15.54 21.79 -8.32
C GLN A 369 -14.20 22.16 -7.72
N VAL A 370 -13.22 21.26 -7.80
CA VAL A 370 -11.90 21.52 -7.24
C VAL A 370 -11.25 22.71 -7.95
N ILE A 371 -11.33 22.72 -9.28
CA ILE A 371 -10.70 23.80 -10.05
C ILE A 371 -11.40 25.12 -9.79
N LEU A 372 -12.73 25.13 -9.79
CA LEU A 372 -13.47 26.36 -9.54
C LEU A 372 -13.14 26.93 -8.17
N ASP A 373 -12.96 26.07 -7.17
CA ASP A 373 -12.52 26.53 -5.85
C ASP A 373 -11.16 27.22 -5.95
N ALA A 374 -10.22 26.60 -6.68
CA ALA A 374 -8.89 27.17 -6.82
C ALA A 374 -8.94 28.54 -7.48
N ILE A 375 -9.77 28.69 -8.52
CA ILE A 375 -9.89 29.97 -9.21
C ILE A 375 -10.41 31.03 -8.25
N SER A 376 -11.40 30.69 -7.43
CA SER A 376 -11.92 31.64 -6.44
C SER A 376 -10.84 32.04 -5.46
N ASN A 377 -10.04 31.07 -4.98
CA ASN A 377 -8.98 31.36 -4.04
C ASN A 377 -7.95 32.30 -4.64
N ILE A 378 -7.60 32.09 -5.92
CA ILE A 378 -6.61 32.95 -6.56
C ILE A 378 -7.17 34.35 -6.78
N PHE A 379 -8.46 34.45 -7.10
CA PHE A 379 -9.08 35.76 -7.23
C PHE A 379 -9.11 36.49 -5.90
N GLN A 380 -9.31 35.76 -4.80
CA GLN A 380 -9.32 36.38 -3.48
C GLN A 380 -7.96 36.97 -3.14
N ALA A 381 -6.89 36.32 -3.57
CA ALA A 381 -5.56 36.90 -3.41
C ALA A 381 -5.38 38.11 -4.32
N ALA A 382 -5.85 38.00 -5.56
CA ALA A 382 -5.78 39.13 -6.49
C ALA A 382 -6.62 40.31 -6.03
N GLU A 383 -7.62 40.06 -5.18
CA GLU A 383 -8.40 41.16 -4.62
C GLU A 383 -7.57 41.96 -3.62
N LYS A 384 -6.79 41.27 -2.77
CA LYS A 384 -5.95 41.95 -1.80
C LYS A 384 -4.88 42.80 -2.47
N LEU A 385 -4.53 42.50 -3.72
CA LEU A 385 -3.60 43.31 -4.48
C LEU A 385 -4.29 44.23 -5.48
N GLY A 386 -5.62 44.16 -5.59
CA GLY A 386 -6.35 44.97 -6.55
C GLY A 386 -6.11 44.60 -7.99
N GLU A 387 -5.63 43.39 -8.26
CA GLU A 387 -5.26 42.95 -9.60
C GLU A 387 -6.23 41.91 -10.16
N THR A 388 -7.51 41.99 -9.79
CA THR A 388 -8.48 41.03 -10.29
C THR A 388 -8.67 41.17 -11.79
N GLU A 389 -8.65 42.41 -12.30
CA GLU A 389 -8.82 42.62 -13.73
C GLU A 389 -7.70 41.97 -14.53
N LYS A 390 -6.47 41.97 -13.99
CA LYS A 390 -5.36 41.31 -14.67
C LYS A 390 -5.59 39.81 -14.74
N LEU A 391 -6.08 39.21 -13.66
CA LEU A 391 -6.37 37.78 -13.67
C LEU A 391 -7.54 37.46 -14.60
N SER A 392 -8.56 38.33 -14.62
CA SER A 392 -9.68 38.12 -15.53
C SER A 392 -9.22 38.14 -16.98
N ILE A 393 -8.28 39.03 -17.31
CA ILE A 393 -7.74 39.07 -18.67
C ILE A 393 -6.98 37.77 -18.98
N MET A 394 -6.18 37.30 -18.02
CA MET A 394 -5.47 36.04 -18.20
C MET A 394 -6.44 34.89 -18.49
N ILE A 395 -7.55 34.85 -17.76
CA ILE A 395 -8.48 33.73 -17.89
C ILE A 395 -9.22 33.79 -19.22
N GLU A 396 -9.64 34.98 -19.64
CA GLU A 396 -10.34 35.09 -20.91
C GLU A 396 -9.41 34.92 -22.10
N GLU A 397 -8.12 35.27 -21.94
CA GLU A 397 -7.20 35.21 -23.07
C GLU A 397 -6.81 33.79 -23.42
N CYS A 398 -6.88 32.86 -22.47
CA CYS A 398 -6.57 31.47 -22.72
C CYS A 398 -7.84 30.62 -22.90
N GLY A 399 -8.99 31.26 -23.10
CA GLY A 399 -10.23 30.55 -23.28
C GLY A 399 -10.92 30.11 -22.01
N GLY A 400 -10.42 30.52 -20.85
CA GLY A 400 -11.03 30.09 -19.60
C GLY A 400 -12.39 30.69 -19.36
N LEU A 401 -12.58 31.95 -19.77
CA LEU A 401 -13.89 32.59 -19.60
C LEU A 401 -14.96 31.86 -20.40
N ASP A 402 -14.62 31.43 -21.62
CA ASP A 402 -15.57 30.64 -22.40
C ASP A 402 -15.92 29.33 -21.70
N LYS A 403 -15.00 28.79 -20.92
CA LYS A 403 -15.29 27.57 -20.17
C LYS A 403 -16.23 27.85 -19.01
N ILE A 404 -15.95 28.92 -18.25
CA ILE A 404 -16.79 29.24 -17.10
C ILE A 404 -18.15 29.77 -17.54
N GLU A 405 -18.17 30.54 -18.65
CA GLU A 405 -19.43 31.12 -19.11
C GLU A 405 -20.34 30.08 -19.74
N ALA A 406 -19.81 28.92 -20.12
CA ALA A 406 -20.62 27.81 -20.58
C ALA A 406 -20.90 26.80 -19.47
N LEU A 407 -20.37 27.03 -18.27
CA LEU A 407 -20.53 26.11 -17.15
C LEU A 407 -21.68 26.46 -16.23
N GLN A 408 -22.28 27.64 -16.38
CA GLN A 408 -23.45 28.00 -15.58
C GLN A 408 -24.68 27.18 -15.95
N ARG A 409 -24.62 26.41 -17.03
CA ARG A 409 -25.69 25.51 -17.43
C ARG A 409 -25.31 24.04 -17.22
N HIS A 410 -24.39 23.76 -16.31
CA HIS A 410 -23.98 22.40 -16.01
C HIS A 410 -25.08 21.68 -15.22
N GLU A 411 -24.97 20.35 -15.13
CA GLU A 411 -26.02 19.57 -14.51
C GLU A 411 -25.90 19.57 -12.99
N ASN A 412 -24.69 19.38 -12.46
CA ASN A 412 -24.46 19.63 -11.05
C ASN A 412 -24.78 21.08 -10.74
N GLU A 413 -25.26 21.35 -9.52
CA GLU A 413 -25.68 22.71 -9.20
C GLU A 413 -24.65 23.49 -8.40
N SER A 414 -23.83 22.82 -7.58
CA SER A 414 -22.75 23.55 -6.92
C SER A 414 -21.71 24.04 -7.91
N VAL A 415 -21.66 23.47 -9.11
CA VAL A 415 -20.76 23.99 -10.14
C VAL A 415 -21.41 25.17 -10.86
N THR A 416 -22.73 25.15 -11.04
CA THR A 416 -23.41 26.28 -11.67
C THR A 416 -23.38 27.51 -10.76
N LYS A 417 -23.54 27.30 -9.45
CA LYS A 417 -23.47 28.42 -8.52
C LYS A 417 -22.07 29.02 -8.48
N ALA A 418 -21.05 28.17 -8.41
CA ALA A 418 -19.67 28.67 -8.46
C ALA A 418 -19.38 29.34 -9.81
N SER A 419 -19.94 28.78 -10.88
CA SER A 419 -19.80 29.38 -12.21
C SER A 419 -20.28 30.82 -12.20
N LEU A 420 -21.56 31.01 -11.89
CA LEU A 420 -22.18 32.32 -11.98
C LEU A 420 -21.58 33.31 -10.99
N ASN A 421 -21.20 32.84 -9.80
CA ASN A 421 -20.60 33.73 -8.81
C ASN A 421 -19.30 34.35 -9.32
N LEU A 422 -18.49 33.57 -10.05
CA LEU A 422 -17.24 34.09 -10.58
C LEU A 422 -17.49 35.11 -11.69
N ILE A 423 -18.51 34.88 -12.52
CA ILE A 423 -18.78 35.78 -13.64
C ILE A 423 -19.40 37.08 -13.13
N GLU A 424 -20.31 36.99 -12.15
CA GLU A 424 -20.94 38.19 -11.63
C GLU A 424 -19.93 39.14 -11.01
N LYS A 425 -18.93 38.59 -10.33
CA LYS A 425 -17.99 39.40 -9.56
C LYS A 425 -16.80 39.88 -10.39
N TYR A 426 -16.27 39.03 -11.27
CA TYR A 426 -15.02 39.33 -11.95
C TYR A 426 -15.13 39.41 -13.47
N PHE A 427 -16.26 39.02 -14.06
CA PHE A 427 -16.40 39.00 -15.52
C PHE A 427 -17.67 39.76 -15.93
N SER A 428 -17.76 41.03 -15.51
CA SER A 428 -18.89 41.87 -15.86
C SER A 428 -18.50 43.34 -15.85
N SER B 17 -4.25 -9.77 -4.68
CA SER B 17 -4.15 -10.64 -3.52
C SER B 17 -2.81 -10.48 -2.83
N VAL B 18 -2.73 -10.93 -1.57
CA VAL B 18 -1.50 -10.94 -0.82
C VAL B 18 -1.08 -12.35 -0.44
N LYS B 19 -1.73 -13.36 -1.02
CA LYS B 19 -1.39 -14.76 -0.82
C LYS B 19 -0.39 -15.22 -1.87
N ARG B 20 0.38 -16.26 -1.53
CA ARG B 20 1.41 -16.80 -2.42
C ARG B 20 1.31 -18.31 -2.47
N ARG B 21 1.29 -18.86 -3.68
CA ARG B 21 1.33 -20.30 -3.89
C ARG B 21 2.75 -20.72 -4.20
N GLN B 22 3.23 -21.76 -3.51
CA GLN B 22 4.59 -22.25 -3.69
C GLN B 22 4.63 -23.23 -4.86
N ILE B 23 5.39 -22.89 -5.89
CA ILE B 23 5.52 -23.74 -7.07
C ILE B 23 6.80 -24.57 -6.97
N VAL C 18 -6.85 19.94 5.40
CA VAL C 18 -7.76 19.21 4.53
C VAL C 18 -7.06 18.00 3.91
N LYS C 19 -6.57 17.09 4.74
CA LYS C 19 -5.87 15.93 4.24
C LYS C 19 -6.85 14.92 3.66
N ARG C 20 -6.39 14.18 2.65
CA ARG C 20 -7.19 13.18 1.96
C ARG C 20 -6.51 11.82 2.08
N ARG C 21 -7.18 10.88 2.73
CA ARG C 21 -6.62 9.56 2.97
C ARG C 21 -6.53 8.77 1.66
N GLN C 22 -5.85 7.64 1.73
CA GLN C 22 -5.72 6.74 0.59
C GLN C 22 -6.96 5.86 0.44
#